data_7V37
#
_entry.id   7V37
#
_cell.length_a   74.129
_cell.length_b   121.276
_cell.length_c   137.722
_cell.angle_alpha   90.000
_cell.angle_beta   90.000
_cell.angle_gamma   90.000
#
_symmetry.space_group_name_H-M   'I 2 2 2'
#
loop_
_entity.id
_entity.type
_entity.pdbx_description
1 polymer Nucleoprotein
2 non-polymer 'ZINC ION'
3 water water
#
_entity_poly.entity_id   1
_entity_poly.type   'polypeptide(L)'
_entity_poly.pdbx_seq_one_letter_code
;MGSSHHHHHHSSGLVPRGSHMGKPQKADSNNSSKSLQSAGFTAGLTYSQLMTLKDAMLQLDPNAKTWMDIEGRPEDPVEI
ALYQPSSGCYIHFFREPTDLKQFKQDAKYSHGIDVTDLFATQPGLTSAVIDALPRNMVITCQGSDDIRKLLESQGRKDIK
LIDIALSKTDSRKYENAVWDQYKDLCHMHTGVVVEKKKRGGKEEITPHCALMDCIMFDAAVSGGLNTSVLRAVLPRDMVF
RTSTPRVVL
;
_entity_poly.pdbx_strand_id   A,B
#
loop_
_chem_comp.id
_chem_comp.type
_chem_comp.name
_chem_comp.formula
ZN non-polymer 'ZINC ION' 'Zn 2'
#
# COMPACT_ATOMS: atom_id res chain seq x y z
N GLY A 44 -11.29 4.99 12.73
CA GLY A 44 -11.58 5.02 14.15
C GLY A 44 -12.75 4.14 14.54
N LEU A 45 -12.81 3.78 15.82
CA LEU A 45 -13.86 2.93 16.35
C LEU A 45 -15.05 3.78 16.79
N THR A 46 -16.25 3.20 16.68
CA THR A 46 -17.45 3.86 17.17
C THR A 46 -17.43 3.88 18.70
N TYR A 47 -18.31 4.71 19.26
CA TYR A 47 -18.42 4.81 20.72
C TYR A 47 -18.86 3.48 21.32
N SER A 48 -19.78 2.78 20.63
CA SER A 48 -20.22 1.48 21.12
C SER A 48 -19.10 0.46 21.10
N GLN A 49 -18.26 0.50 20.06
CA GLN A 49 -17.13 -0.42 19.98
C GLN A 49 -16.10 -0.11 21.06
N LEU A 50 -15.87 1.18 21.34
CA LEU A 50 -14.91 1.54 22.38
C LEU A 50 -15.35 1.02 23.74
N MET A 51 -16.66 1.04 24.01
CA MET A 51 -17.16 0.48 25.26
C MET A 51 -17.09 -1.05 25.24
N THR A 52 -17.32 -1.67 24.08
CA THR A 52 -17.14 -3.11 23.95
C THR A 52 -15.69 -3.49 24.17
N LEU A 53 -14.76 -2.68 23.66
CA LEU A 53 -13.34 -2.96 23.85
C LEU A 53 -12.96 -2.87 25.32
N LYS A 54 -13.44 -1.83 26.02
CA LYS A 54 -13.08 -1.64 27.42
C LYS A 54 -13.55 -2.83 28.27
N ASP A 55 -14.76 -3.31 28.03
CA ASP A 55 -15.23 -4.50 28.74
C ASP A 55 -14.43 -5.74 28.36
N ALA A 56 -13.97 -5.81 27.10
CA ALA A 56 -13.15 -6.94 26.68
C ALA A 56 -11.76 -6.88 27.32
N MET A 57 -11.15 -5.69 27.33
CA MET A 57 -9.83 -5.53 27.94
C MET A 57 -9.85 -5.82 29.44
N LEU A 58 -11.03 -5.82 30.06
CA LEU A 58 -11.13 -6.13 31.48
C LEU A 58 -10.73 -7.57 31.79
N GLN A 59 -10.77 -8.45 30.80
CA GLN A 59 -10.40 -9.85 31.01
C GLN A 59 -8.93 -10.05 31.31
N LEU A 60 -8.10 -9.04 31.10
CA LEU A 60 -6.67 -9.15 31.38
C LEU A 60 -6.40 -8.94 32.87
N ASP A 61 -5.49 -9.75 33.41
CA ASP A 61 -4.98 -9.53 34.75
C ASP A 61 -3.84 -8.53 34.66
N PRO A 62 -3.98 -7.33 35.22
CA PRO A 62 -2.92 -6.31 35.07
C PRO A 62 -1.59 -6.70 35.69
N ASN A 63 -1.56 -7.72 36.56
CA ASN A 63 -0.33 -8.13 37.22
C ASN A 63 0.13 -9.52 36.81
N ALA A 64 -0.49 -10.11 35.79
CA ALA A 64 -0.06 -11.40 35.29
C ALA A 64 0.98 -11.23 34.19
N LYS A 65 1.73 -12.30 33.94
CA LYS A 65 2.72 -12.29 32.88
C LYS A 65 2.02 -12.11 31.52
N THR A 66 2.41 -11.06 30.81
CA THR A 66 1.78 -10.71 29.53
C THR A 66 2.86 -10.55 28.48
N TRP A 67 2.82 -11.40 27.45
CA TRP A 67 3.72 -11.29 26.32
C TRP A 67 3.13 -10.36 25.27
N MET A 68 4.02 -9.72 24.49
CA MET A 68 3.58 -8.89 23.38
C MET A 68 4.61 -9.01 22.25
N ASP A 69 4.11 -9.20 21.03
CA ASP A 69 4.95 -9.27 19.85
C ASP A 69 4.19 -8.64 18.69
N ILE A 70 4.93 -8.05 17.77
CA ILE A 70 4.34 -7.43 16.59
C ILE A 70 5.07 -7.92 15.34
N GLU A 71 4.35 -7.92 14.22
CA GLU A 71 4.93 -8.12 12.91
C GLU A 71 4.86 -6.81 12.14
N GLY A 72 5.94 -6.49 11.44
CA GLY A 72 6.11 -5.16 10.89
C GLY A 72 6.83 -4.24 11.86
N ARG A 73 7.32 -3.14 11.33
CA ARG A 73 8.09 -2.23 12.16
C ARG A 73 7.18 -1.43 13.09
N PRO A 74 7.70 -1.00 14.25
CA PRO A 74 6.82 -0.37 15.26
C PRO A 74 6.12 0.87 14.75
N GLU A 75 6.72 1.60 13.81
CA GLU A 75 6.10 2.77 13.22
C GLU A 75 4.98 2.42 12.25
N ASP A 76 4.91 1.16 11.81
CA ASP A 76 3.92 0.72 10.84
C ASP A 76 3.58 -0.75 11.05
N PRO A 77 2.99 -1.12 12.19
CA PRO A 77 2.73 -2.54 12.46
C PRO A 77 1.53 -3.06 11.69
N VAL A 78 1.62 -4.35 11.34
CA VAL A 78 0.54 -5.00 10.61
C VAL A 78 -0.08 -6.16 11.38
N GLU A 79 0.61 -6.73 12.36
CA GLU A 79 0.03 -7.76 13.22
C GLU A 79 0.50 -7.52 14.64
N ILE A 80 -0.45 -7.54 15.59
CA ILE A 80 -0.17 -7.27 16.99
C ILE A 80 -0.81 -8.36 17.83
N ALA A 81 -0.06 -8.86 18.81
CA ALA A 81 -0.55 -9.91 19.68
C ALA A 81 -0.10 -9.66 21.11
N LEU A 82 -1.01 -9.87 22.06
CA LEU A 82 -0.69 -9.95 23.47
C LEU A 82 -1.20 -11.29 24.00
N TYR A 83 -0.50 -11.83 24.98
CA TYR A 83 -0.75 -13.20 25.42
C TYR A 83 -0.51 -13.32 26.91
N GLN A 84 -1.55 -13.72 27.65
CA GLN A 84 -1.45 -14.01 29.08
C GLN A 84 -1.56 -15.52 29.27
N PRO A 85 -0.44 -16.24 29.41
CA PRO A 85 -0.53 -17.71 29.46
C PRO A 85 -1.21 -18.24 30.71
N SER A 86 -1.26 -17.47 31.80
CA SER A 86 -1.92 -17.94 33.01
C SER A 86 -3.42 -18.13 32.76
N SER A 87 -4.11 -17.06 32.34
CA SER A 87 -5.54 -17.14 32.08
C SER A 87 -5.85 -17.66 30.68
N GLY A 88 -4.86 -17.76 29.80
CA GLY A 88 -5.07 -18.19 28.44
C GLY A 88 -5.59 -17.11 27.51
N CYS A 89 -5.92 -15.93 28.03
CA CYS A 89 -6.41 -14.84 27.19
C CYS A 89 -5.32 -14.35 26.25
N TYR A 90 -5.73 -13.93 25.06
CA TYR A 90 -4.80 -13.35 24.11
C TYR A 90 -5.50 -12.28 23.30
N ILE A 91 -4.78 -11.18 23.04
CA ILE A 91 -5.21 -10.13 22.14
C ILE A 91 -4.53 -10.36 20.79
N HIS A 92 -5.28 -10.24 19.70
CA HIS A 92 -4.73 -10.52 18.38
C HIS A 92 -5.56 -9.78 17.35
N PHE A 93 -4.92 -8.91 16.57
CA PHE A 93 -5.59 -8.15 15.53
C PHE A 93 -4.56 -7.72 14.49
N PHE A 94 -5.03 -7.08 13.43
CA PHE A 94 -4.20 -6.73 12.28
C PHE A 94 -4.40 -5.26 11.91
N ARG A 95 -3.53 -4.77 11.05
CA ARG A 95 -3.58 -3.38 10.62
C ARG A 95 -3.07 -3.26 9.18
N GLU A 96 -3.73 -2.41 8.41
CA GLU A 96 -3.29 -2.15 7.04
C GLU A 96 -2.00 -1.33 7.04
N PRO A 97 -1.01 -1.69 6.26
CA PRO A 97 0.27 -0.96 6.30
C PRO A 97 0.22 0.37 5.59
N THR A 98 1.08 1.28 6.03
CA THR A 98 1.25 2.58 5.37
C THR A 98 2.32 2.52 4.30
N ASP A 99 3.47 1.95 4.62
CA ASP A 99 4.58 1.81 3.67
C ASP A 99 4.44 0.45 2.99
N LEU A 100 3.82 0.45 1.80
CA LEU A 100 3.67 -0.80 1.07
C LEU A 100 5.01 -1.35 0.60
N LYS A 101 5.98 -0.47 0.34
CA LYS A 101 7.29 -0.94 -0.08
C LYS A 101 7.99 -1.71 1.03
N GLN A 102 7.97 -1.16 2.25
CA GLN A 102 8.55 -1.87 3.39
C GLN A 102 7.74 -3.11 3.74
N PHE A 103 6.42 -3.06 3.57
CA PHE A 103 5.58 -4.22 3.85
C PHE A 103 5.96 -5.40 2.97
N LYS A 104 6.21 -5.16 1.68
CA LYS A 104 6.52 -6.25 0.76
C LYS A 104 7.82 -6.95 1.16
N GLN A 105 8.83 -6.19 1.58
CA GLN A 105 10.07 -6.81 2.05
C GLN A 105 9.84 -7.53 3.37
N ASP A 106 9.03 -6.98 4.26
CA ASP A 106 8.70 -7.66 5.50
C ASP A 106 7.93 -8.95 5.23
N ALA A 107 7.08 -8.96 4.20
CA ALA A 107 6.35 -10.18 3.87
C ALA A 107 7.28 -11.26 3.34
N LYS A 108 8.29 -10.87 2.55
CA LYS A 108 9.17 -11.87 1.95
C LYS A 108 10.11 -12.48 2.98
N TYR A 109 10.52 -11.72 3.98
CA TYR A 109 11.55 -12.17 4.92
C TYR A 109 11.04 -12.35 6.34
N SER A 110 9.73 -12.20 6.59
CA SER A 110 9.23 -12.34 7.94
C SER A 110 7.85 -12.98 8.01
N HIS A 111 6.79 -12.17 7.84
CA HIS A 111 5.45 -12.63 8.18
C HIS A 111 4.68 -13.24 7.01
N GLY A 112 5.05 -12.92 5.77
CA GLY A 112 4.39 -13.53 4.62
C GLY A 112 2.91 -13.24 4.51
N ILE A 113 2.49 -12.03 4.88
CA ILE A 113 1.08 -11.67 4.87
C ILE A 113 0.74 -11.04 3.53
N ASP A 114 -0.37 -11.48 2.93
CA ASP A 114 -0.90 -10.84 1.73
C ASP A 114 -1.58 -9.54 2.13
N VAL A 115 -1.21 -8.44 1.46
CA VAL A 115 -1.72 -7.13 1.83
C VAL A 115 -3.22 -7.04 1.59
N THR A 116 -3.76 -7.81 0.63
CA THR A 116 -5.18 -7.78 0.38
C THR A 116 -5.99 -8.38 1.53
N ASP A 117 -5.37 -9.26 2.33
CA ASP A 117 -6.02 -9.77 3.53
C ASP A 117 -6.12 -8.72 4.63
N LEU A 118 -5.47 -7.56 4.47
CA LEU A 118 -5.47 -6.51 5.47
C LEU A 118 -6.36 -5.33 5.10
N PHE A 119 -7.03 -5.37 3.95
CA PHE A 119 -7.85 -4.25 3.52
C PHE A 119 -9.10 -4.08 4.37
N ALA A 120 -9.55 -5.14 5.04
CA ALA A 120 -10.78 -5.11 5.82
C ALA A 120 -10.53 -4.99 7.32
N THR A 121 -9.32 -4.62 7.73
CA THR A 121 -9.02 -4.45 9.14
C THR A 121 -9.67 -3.18 9.68
N GLN A 122 -9.98 -3.19 10.96
CA GLN A 122 -10.61 -2.03 11.60
C GLN A 122 -9.58 -0.93 11.79
N PRO A 123 -9.77 0.24 11.20
CA PRO A 123 -8.78 1.32 11.36
C PRO A 123 -8.84 1.92 12.75
N GLY A 124 -7.67 2.34 13.23
CA GLY A 124 -7.55 2.90 14.57
C GLY A 124 -7.59 1.88 15.69
N LEU A 125 -7.66 0.58 15.37
CA LEU A 125 -7.76 -0.43 16.42
C LEU A 125 -6.47 -0.52 17.23
N THR A 126 -5.32 -0.31 16.58
CA THR A 126 -4.05 -0.34 17.29
C THR A 126 -4.01 0.70 18.40
N SER A 127 -4.36 1.96 18.06
CA SER A 127 -4.38 3.01 19.08
C SER A 127 -5.45 2.75 20.12
N ALA A 128 -6.58 2.18 19.72
CA ALA A 128 -7.67 1.93 20.67
C ALA A 128 -7.29 0.85 21.68
N VAL A 129 -6.65 -0.23 21.20
CA VAL A 129 -6.26 -1.30 22.10
C VAL A 129 -5.16 -0.85 23.06
N ILE A 130 -4.17 -0.11 22.53
CA ILE A 130 -3.08 0.35 23.37
C ILE A 130 -3.59 1.34 24.43
N ASP A 131 -4.58 2.16 24.06
CA ASP A 131 -5.17 3.08 25.02
C ASP A 131 -5.90 2.34 26.15
N ALA A 132 -6.49 1.19 25.84
CA ALA A 132 -7.31 0.46 26.80
C ALA A 132 -6.53 -0.56 27.62
N LEU A 133 -5.24 -0.68 27.41
CA LEU A 133 -4.44 -1.62 28.19
C LEU A 133 -4.45 -1.19 29.66
N PRO A 134 -4.47 -2.14 30.60
CA PRO A 134 -4.51 -1.78 32.02
C PRO A 134 -3.29 -0.96 32.41
N ARG A 135 -3.50 -0.01 33.31
CA ARG A 135 -2.46 0.93 33.68
C ARG A 135 -1.37 0.24 34.50
N ASN A 136 -0.14 0.71 34.31
CA ASN A 136 1.05 0.22 35.02
C ASN A 136 1.28 -1.27 34.79
N MET A 137 0.77 -1.81 33.68
CA MET A 137 0.98 -3.21 33.35
C MET A 137 2.44 -3.45 32.96
N VAL A 138 2.92 -4.65 33.24
CA VAL A 138 4.27 -5.07 32.89
C VAL A 138 4.15 -6.07 31.74
N ILE A 139 4.85 -5.79 30.65
CA ILE A 139 4.76 -6.57 29.42
C ILE A 139 6.11 -7.18 29.11
N THR A 140 6.13 -8.49 28.90
CA THR A 140 7.34 -9.21 28.52
C THR A 140 7.40 -9.36 27.00
N CYS A 141 8.59 -9.22 26.44
CA CYS A 141 8.73 -9.28 24.99
C CYS A 141 10.15 -9.66 24.61
N GLN A 142 10.29 -10.15 23.39
CA GLN A 142 11.59 -10.47 22.78
C GLN A 142 11.95 -9.30 21.86
N GLY A 143 12.88 -8.45 22.31
CA GLY A 143 13.20 -7.24 21.58
C GLY A 143 12.29 -6.10 22.00
N SER A 144 12.60 -5.50 23.14
CA SER A 144 11.72 -4.50 23.72
C SER A 144 11.81 -3.14 23.05
N ASP A 145 12.87 -2.86 22.29
CA ASP A 145 13.08 -1.50 21.80
C ASP A 145 12.01 -1.08 20.79
N ASP A 146 11.40 -2.04 20.08
CA ASP A 146 10.36 -1.70 19.12
C ASP A 146 8.97 -1.73 19.74
N ILE A 147 8.73 -2.64 20.68
CA ILE A 147 7.56 -2.52 21.55
C ILE A 147 7.60 -1.19 22.29
N ARG A 148 8.80 -0.74 22.66
CA ARG A 148 8.96 0.55 23.31
C ARG A 148 8.50 1.68 22.41
N LYS A 149 8.96 1.68 21.15
CA LYS A 149 8.59 2.73 20.22
C LYS A 149 7.08 2.79 20.02
N LEU A 150 6.44 1.63 19.93
CA LEU A 150 5.01 1.58 19.66
C LEU A 150 4.20 2.14 20.83
N LEU A 151 4.42 1.59 22.02
CA LEU A 151 3.67 2.04 23.19
C LEU A 151 3.94 3.51 23.49
N GLU A 152 5.19 3.94 23.31
CA GLU A 152 5.54 5.33 23.62
C GLU A 152 4.88 6.30 22.64
N SER A 153 4.70 5.89 21.39
CA SER A 153 4.04 6.76 20.42
C SER A 153 2.56 6.96 20.73
N GLN A 154 1.97 6.08 21.55
CA GLN A 154 0.58 6.20 21.96
C GLN A 154 0.43 6.80 23.35
N GLY A 155 1.53 7.22 23.98
CA GLY A 155 1.47 7.86 25.27
C GLY A 155 1.41 6.92 26.46
N ARG A 156 1.73 5.65 26.28
CA ARG A 156 1.65 4.67 27.38
C ARG A 156 3.03 4.49 28.00
N LYS A 157 3.51 5.56 28.64
CA LYS A 157 4.76 5.50 29.38
C LYS A 157 4.63 4.76 30.70
N ASP A 158 3.41 4.50 31.16
CA ASP A 158 3.20 3.78 32.41
C ASP A 158 3.49 2.29 32.27
N ILE A 159 3.44 1.76 31.05
CA ILE A 159 3.67 0.33 30.83
C ILE A 159 5.18 0.07 30.86
N LYS A 160 5.59 -0.91 31.66
CA LYS A 160 6.98 -1.30 31.77
C LYS A 160 7.23 -2.58 30.98
N LEU A 161 8.41 -2.67 30.38
CA LEU A 161 8.75 -3.76 29.48
C LEU A 161 9.87 -4.60 30.09
N ILE A 162 9.67 -5.91 30.10
CA ILE A 162 10.71 -6.86 30.46
C ILE A 162 11.28 -7.41 29.16
N ASP A 163 12.54 -7.06 28.86
CA ASP A 163 13.19 -7.51 27.63
C ASP A 163 13.84 -8.86 27.89
N ILE A 164 13.01 -9.90 27.89
CA ILE A 164 13.54 -11.26 27.85
C ILE A 164 14.15 -11.48 26.48
N ALA A 165 15.46 -11.68 26.44
CA ALA A 165 16.16 -11.97 25.20
C ALA A 165 16.53 -13.45 25.18
N LEU A 166 16.46 -14.05 23.99
CA LEU A 166 16.72 -15.47 23.83
C LEU A 166 17.54 -15.69 22.58
N SER A 167 18.20 -16.85 22.53
CA SER A 167 18.91 -17.26 21.34
C SER A 167 17.92 -17.56 20.22
N LYS A 168 18.45 -17.66 18.99
CA LYS A 168 17.63 -18.17 17.90
C LYS A 168 17.22 -19.61 18.16
N THR A 169 18.06 -20.36 18.87
CA THR A 169 17.72 -21.73 19.24
C THR A 169 16.59 -21.78 20.25
N ASP A 170 16.67 -20.93 21.28
CA ASP A 170 15.66 -20.97 22.34
C ASP A 170 14.36 -20.31 21.92
N SER A 171 14.44 -19.21 21.18
CA SER A 171 13.22 -18.50 20.79
C SER A 171 12.35 -19.32 19.85
N ARG A 172 12.98 -20.07 18.94
CA ARG A 172 12.27 -20.91 17.99
C ARG A 172 12.27 -22.38 18.39
N LYS A 173 12.60 -22.67 19.65
CA LYS A 173 12.69 -24.06 20.10
C LYS A 173 11.38 -24.80 19.91
N TYR A 174 10.29 -24.25 20.43
CA TYR A 174 8.96 -24.85 20.33
C TYR A 174 8.17 -24.31 19.15
N GLU A 175 8.83 -23.91 18.06
CA GLU A 175 8.13 -23.35 16.91
C GLU A 175 7.22 -24.38 16.27
N ASN A 176 7.75 -25.59 16.01
CA ASN A 176 6.95 -26.62 15.36
C ASN A 176 5.80 -27.07 16.25
N ALA A 177 6.04 -27.20 17.56
CA ALA A 177 4.99 -27.67 18.46
C ALA A 177 3.89 -26.64 18.61
N VAL A 178 4.23 -25.35 18.63
CA VAL A 178 3.22 -24.30 18.77
C VAL A 178 2.37 -24.22 17.51
N TRP A 179 3.02 -24.17 16.34
CA TRP A 179 2.28 -24.14 15.09
C TRP A 179 1.40 -25.38 14.95
N ASP A 180 1.91 -26.55 15.33
CA ASP A 180 1.12 -27.77 15.24
C ASP A 180 -0.11 -27.71 16.13
N GLN A 181 -0.01 -27.02 17.26
CA GLN A 181 -1.11 -26.97 18.23
C GLN A 181 -2.09 -25.83 17.95
N TYR A 182 -1.60 -24.68 17.50
CA TYR A 182 -2.42 -23.47 17.44
C TYR A 182 -2.55 -22.91 16.03
N LYS A 183 -2.26 -23.69 14.98
CA LYS A 183 -2.28 -23.15 13.63
C LYS A 183 -3.64 -22.57 13.26
N ASP A 184 -4.71 -23.06 13.87
CA ASP A 184 -6.06 -22.59 13.56
C ASP A 184 -6.38 -21.23 14.17
N LEU A 185 -5.44 -20.65 14.92
CA LEU A 185 -5.65 -19.31 15.49
C LEU A 185 -5.24 -18.20 14.54
N CYS A 186 -4.48 -18.51 13.49
CA CYS A 186 -4.07 -17.48 12.54
C CYS A 186 -3.76 -18.14 11.20
N HIS A 187 -4.62 -17.90 10.21
CA HIS A 187 -4.41 -18.36 8.84
C HIS A 187 -3.95 -17.23 7.92
N MET A 188 -3.34 -16.19 8.47
CA MET A 188 -3.03 -14.98 7.72
C MET A 188 -1.64 -14.98 7.11
N HIS A 189 -0.88 -16.05 7.25
CA HIS A 189 0.48 -16.13 6.74
C HIS A 189 0.50 -17.07 5.54
N THR A 190 0.10 -16.53 4.38
CA THR A 190 -0.12 -17.30 3.18
C THR A 190 1.06 -17.27 2.21
N GLY A 191 1.98 -16.33 2.36
CA GLY A 191 3.10 -16.22 1.45
C GLY A 191 4.29 -17.07 1.85
N VAL A 192 5.20 -17.25 0.90
CA VAL A 192 6.42 -18.00 1.11
C VAL A 192 7.48 -17.08 1.69
N VAL A 193 8.05 -17.45 2.83
CA VAL A 193 9.03 -16.65 3.55
C VAL A 193 10.38 -17.31 3.41
N VAL A 194 11.39 -16.50 3.07
CA VAL A 194 12.77 -16.96 2.94
C VAL A 194 13.63 -16.16 3.90
N GLU A 195 14.79 -16.72 4.24
CA GLU A 195 15.74 -16.08 5.14
C GLU A 195 17.02 -15.79 4.40
N LYS A 196 17.47 -14.54 4.46
CA LYS A 196 18.69 -14.10 3.79
C LYS A 196 19.93 -14.48 4.58
N GLY A 201 22.80 -17.60 1.03
CA GLY A 201 21.69 -17.76 0.11
C GLY A 201 20.34 -17.68 0.78
N LYS A 202 19.28 -17.90 0.01
CA LYS A 202 17.91 -17.84 0.50
C LYS A 202 17.32 -19.25 0.55
N GLU A 203 16.67 -19.58 1.66
CA GLU A 203 15.97 -20.84 1.82
C GLU A 203 14.67 -20.60 2.58
N GLU A 204 13.68 -21.45 2.29
CA GLU A 204 12.35 -21.25 2.84
C GLU A 204 12.33 -21.56 4.33
N ILE A 205 11.71 -20.67 5.11
CA ILE A 205 11.54 -20.84 6.55
C ILE A 205 10.07 -20.69 6.90
N THR A 206 9.74 -21.01 8.14
CA THR A 206 8.37 -20.87 8.61
C THR A 206 8.06 -19.39 8.85
N PRO A 207 6.95 -18.88 8.33
CA PRO A 207 6.63 -17.45 8.52
C PRO A 207 6.46 -17.10 9.99
N HIS A 208 6.73 -15.84 10.31
CA HIS A 208 6.65 -15.35 11.67
C HIS A 208 5.26 -14.81 11.95
N CYS A 209 4.63 -15.31 13.02
CA CYS A 209 3.33 -14.88 13.46
C CYS A 209 3.46 -14.26 14.84
N ALA A 210 2.91 -13.05 15.02
CA ALA A 210 3.02 -12.35 16.29
C ALA A 210 2.38 -13.14 17.43
N LEU A 211 1.30 -13.87 17.14
CA LEU A 211 0.65 -14.67 18.18
C LEU A 211 1.45 -15.94 18.49
N MET A 212 1.86 -16.66 17.45
CA MET A 212 2.67 -17.86 17.67
C MET A 212 3.98 -17.53 18.36
N ASP A 213 4.58 -16.37 18.02
CA ASP A 213 5.80 -15.96 18.68
C ASP A 213 5.60 -15.81 20.19
N CYS A 214 4.50 -15.16 20.59
CA CYS A 214 4.20 -15.02 22.01
C CYS A 214 4.09 -16.39 22.68
N ILE A 215 3.36 -17.31 22.06
CA ILE A 215 3.15 -18.63 22.66
C ILE A 215 4.47 -19.41 22.72
N MET A 216 5.27 -19.36 21.65
CA MET A 216 6.49 -20.15 21.63
C MET A 216 7.59 -19.52 22.48
N PHE A 217 7.62 -18.19 22.60
CA PHE A 217 8.58 -17.57 23.51
C PHE A 217 8.26 -17.91 24.96
N ASP A 218 6.98 -17.89 25.31
CA ASP A 218 6.56 -18.32 26.64
C ASP A 218 6.86 -19.81 26.86
N ALA A 219 6.71 -20.61 25.80
CA ALA A 219 7.01 -22.04 25.91
C ALA A 219 8.49 -22.26 26.20
N ALA A 220 9.36 -21.45 25.61
CA ALA A 220 10.80 -21.58 25.86
C ALA A 220 11.15 -21.25 27.30
N VAL A 221 10.58 -20.14 27.81
CA VAL A 221 10.88 -19.73 29.18
C VAL A 221 10.27 -20.71 30.18
N SER A 222 8.97 -20.99 30.04
CA SER A 222 8.31 -21.91 30.95
C SER A 222 8.67 -23.37 30.70
N GLY A 223 9.36 -23.66 29.61
CA GLY A 223 9.76 -25.03 29.32
C GLY A 223 8.62 -25.93 28.89
N GLY A 224 7.87 -25.51 27.88
CA GLY A 224 6.79 -26.31 27.33
C GLY A 224 5.54 -25.50 27.13
N LEU A 225 4.58 -26.13 26.46
CA LEU A 225 3.30 -25.49 26.17
C LEU A 225 2.44 -25.42 27.43
N ASN A 226 1.74 -24.30 27.59
CA ASN A 226 0.87 -24.12 28.74
C ASN A 226 -0.43 -24.90 28.56
N THR A 227 -0.95 -25.43 29.66
CA THR A 227 -2.15 -26.26 29.62
C THR A 227 -3.44 -25.45 29.47
N SER A 228 -3.39 -24.14 29.67
CA SER A 228 -4.60 -23.34 29.62
C SER A 228 -5.18 -23.29 28.21
N VAL A 229 -6.50 -23.31 28.12
CA VAL A 229 -7.18 -23.14 26.84
C VAL A 229 -7.14 -21.68 26.44
N LEU A 230 -6.65 -21.41 25.23
CA LEU A 230 -6.50 -20.05 24.76
C LEU A 230 -7.85 -19.49 24.32
N ARG A 231 -8.16 -18.28 24.77
CA ARG A 231 -9.43 -17.62 24.44
C ARG A 231 -9.15 -16.22 23.93
N ALA A 232 -9.78 -15.87 22.81
CA ALA A 232 -9.58 -14.55 22.23
C ALA A 232 -10.32 -13.50 23.05
N VAL A 233 -9.65 -12.37 23.30
CA VAL A 233 -10.26 -11.28 24.05
C VAL A 233 -11.10 -10.40 23.13
N LEU A 234 -10.63 -10.19 21.90
CA LEU A 234 -11.26 -9.27 20.96
C LEU A 234 -12.29 -10.00 20.10
N PRO A 235 -13.47 -9.42 19.87
CA PRO A 235 -14.45 -10.05 19.00
C PRO A 235 -14.01 -10.03 17.54
N ARG A 236 -14.32 -11.14 16.84
CA ARG A 236 -13.95 -11.25 15.43
C ARG A 236 -14.49 -10.08 14.60
N ASP A 237 -15.67 -9.57 14.95
CA ASP A 237 -16.28 -8.46 14.22
C ASP A 237 -15.70 -7.10 14.58
N MET A 238 -14.85 -7.04 15.60
CA MET A 238 -14.08 -5.84 15.92
C MET A 238 -12.74 -5.83 15.22
N VAL A 239 -12.15 -7.01 14.99
CA VAL A 239 -10.89 -7.10 14.27
C VAL A 239 -11.09 -6.81 12.78
N PHE A 240 -12.09 -7.44 12.17
CA PHE A 240 -12.38 -7.28 10.76
C PHE A 240 -13.78 -6.69 10.58
N ARG A 241 -13.95 -5.93 9.49
CA ARG A 241 -15.25 -5.42 9.08
C ARG A 241 -15.82 -6.34 8.00
N THR A 242 -17.08 -6.71 8.16
CA THR A 242 -17.64 -7.77 7.34
C THR A 242 -17.73 -7.36 5.88
N SER A 243 -17.14 -8.17 5.01
CA SER A 243 -17.19 -7.92 3.58
C SER A 243 -18.39 -8.56 2.90
N THR A 244 -19.19 -9.33 3.64
CA THR A 244 -20.31 -10.06 3.07
C THR A 244 -21.57 -9.22 3.14
N PRO A 245 -22.08 -8.73 2.03
CA PRO A 245 -23.31 -7.92 2.07
C PRO A 245 -24.55 -8.78 2.31
N ARG A 246 -25.50 -8.19 3.05
CA ARG A 246 -26.76 -8.87 3.33
C ARG A 246 -27.58 -8.96 2.04
N VAL A 247 -27.78 -10.18 1.56
CA VAL A 247 -28.46 -10.42 0.29
C VAL A 247 -29.59 -11.41 0.54
N VAL A 248 -30.73 -11.17 -0.10
CA VAL A 248 -31.85 -12.09 -0.05
C VAL A 248 -31.56 -13.28 -0.95
N LEU A 249 -31.73 -14.49 -0.42
CA LEU A 249 -31.48 -15.70 -1.18
C LEU A 249 -32.67 -16.66 -1.08
N GLY B 44 13.52 -3.92 -12.30
CA GLY B 44 13.95 -3.32 -13.54
C GLY B 44 13.51 -4.08 -14.77
N LEU B 45 13.91 -3.58 -15.94
CA LEU B 45 13.56 -4.18 -17.22
C LEU B 45 14.72 -5.04 -17.71
N THR B 46 14.39 -6.08 -18.47
CA THR B 46 15.43 -6.88 -19.08
C THR B 46 16.20 -6.04 -20.11
N TYR B 47 17.38 -6.53 -20.48
CA TYR B 47 18.20 -5.79 -21.45
C TYR B 47 17.47 -5.63 -22.77
N SER B 48 16.73 -6.66 -23.19
CA SER B 48 15.94 -6.54 -24.41
C SER B 48 14.80 -5.53 -24.23
N GLN B 49 14.21 -5.49 -23.03
CA GLN B 49 13.14 -4.53 -22.76
C GLN B 49 13.65 -3.09 -22.90
N LEU B 50 14.86 -2.82 -22.40
CA LEU B 50 15.39 -1.47 -22.46
C LEU B 50 15.63 -1.03 -23.90
N MET B 51 16.11 -1.96 -24.74
CA MET B 51 16.28 -1.62 -26.15
C MET B 51 14.95 -1.52 -26.87
N THR B 52 13.94 -2.27 -26.44
CA THR B 52 12.59 -2.10 -26.98
C THR B 52 12.04 -0.72 -26.62
N LEU B 53 12.34 -0.25 -25.40
CA LEU B 53 11.91 1.07 -24.98
C LEU B 53 12.55 2.15 -25.86
N LYS B 54 13.85 2.07 -26.07
CA LYS B 54 14.56 3.11 -26.82
C LYS B 54 14.07 3.18 -28.25
N ASP B 55 13.76 2.03 -28.86
CA ASP B 55 13.19 2.04 -30.20
C ASP B 55 11.80 2.67 -30.22
N ALA B 56 11.04 2.50 -29.14
CA ALA B 56 9.71 3.10 -29.08
C ALA B 56 9.78 4.61 -28.94
N MET B 57 10.76 5.11 -28.19
CA MET B 57 10.88 6.55 -27.97
C MET B 57 11.24 7.30 -29.25
N LEU B 58 11.72 6.60 -30.29
CA LEU B 58 12.09 7.28 -31.52
C LEU B 58 10.88 7.84 -32.26
N GLN B 59 9.67 7.35 -31.96
CA GLN B 59 8.47 7.93 -32.53
C GLN B 59 8.16 9.31 -31.98
N LEU B 60 8.84 9.73 -30.91
CA LEU B 60 8.64 11.05 -30.34
C LEU B 60 9.37 12.11 -31.17
N ASP B 61 8.70 13.22 -31.43
CA ASP B 61 9.34 14.38 -32.01
C ASP B 61 9.95 15.20 -30.88
N PRO B 62 11.28 15.26 -30.76
CA PRO B 62 11.89 15.93 -29.60
C PRO B 62 11.62 17.42 -29.54
N ASN B 63 11.18 18.05 -30.63
CA ASN B 63 10.92 19.48 -30.65
C ASN B 63 9.44 19.82 -30.80
N ALA B 64 8.56 18.82 -30.85
CA ALA B 64 7.14 19.10 -30.93
C ALA B 64 6.56 19.34 -29.54
N LYS B 65 5.39 19.97 -29.51
CA LYS B 65 4.71 20.21 -28.24
C LYS B 65 4.37 18.90 -27.55
N THR B 66 4.80 18.76 -26.30
CA THR B 66 4.62 17.53 -25.54
C THR B 66 4.01 17.88 -24.20
N TRP B 67 2.83 17.31 -23.92
CA TRP B 67 2.19 17.47 -22.62
C TRP B 67 2.62 16.35 -21.70
N MET B 68 2.60 16.62 -20.40
CA MET B 68 2.88 15.60 -19.40
C MET B 68 2.04 15.90 -18.16
N ASP B 69 1.43 14.85 -17.62
CA ASP B 69 0.66 14.96 -16.39
C ASP B 69 0.81 13.65 -15.62
N ILE B 70 0.67 13.73 -14.30
CA ILE B 70 0.79 12.57 -13.43
C ILE B 70 -0.37 12.55 -12.46
N GLU B 71 -0.68 11.35 -11.96
CA GLU B 71 -1.58 11.17 -10.85
C GLU B 71 -0.78 10.56 -9.70
N GLY B 72 -1.06 11.05 -8.48
CA GLY B 72 -0.21 10.78 -7.34
C GLY B 72 0.84 11.87 -7.17
N ARG B 73 1.52 11.82 -6.05
CA ARG B 73 2.52 12.85 -5.76
C ARG B 73 3.77 12.63 -6.62
N PRO B 74 4.51 13.69 -6.93
CA PRO B 74 5.74 13.52 -7.72
C PRO B 74 6.75 12.59 -7.06
N GLU B 75 6.71 12.47 -5.74
CA GLU B 75 7.59 11.55 -5.04
C GLU B 75 7.08 10.11 -5.09
N ASP B 76 5.82 9.91 -5.47
CA ASP B 76 5.21 8.58 -5.46
C ASP B 76 4.09 8.53 -6.48
N PRO B 77 4.42 8.60 -7.77
CA PRO B 77 3.37 8.64 -8.80
C PRO B 77 2.83 7.25 -9.12
N VAL B 78 1.55 7.22 -9.46
CA VAL B 78 0.88 5.97 -9.83
C VAL B 78 0.46 5.93 -11.29
N GLU B 79 0.30 7.09 -11.95
CA GLU B 79 -0.05 7.13 -13.36
C GLU B 79 0.69 8.28 -14.02
N ILE B 80 1.40 7.98 -15.11
CA ILE B 80 2.20 8.98 -15.82
C ILE B 80 1.82 8.95 -17.29
N ALA B 81 1.65 10.13 -17.87
CA ALA B 81 1.25 10.24 -19.26
C ALA B 81 2.00 11.37 -19.95
N LEU B 82 2.41 11.12 -21.19
CA LEU B 82 2.92 12.15 -22.09
C LEU B 82 2.14 12.07 -23.38
N TYR B 83 1.98 13.22 -24.04
CA TYR B 83 1.08 13.30 -25.19
C TYR B 83 1.60 14.35 -26.17
N GLN B 84 1.81 13.94 -27.41
CA GLN B 84 2.21 14.84 -28.49
C GLN B 84 1.05 14.98 -29.47
N PRO B 85 0.28 16.06 -29.41
CA PRO B 85 -0.89 16.17 -30.31
C PRO B 85 -0.52 16.27 -31.79
N SER B 86 0.69 16.75 -32.11
CA SER B 86 1.08 16.90 -33.50
C SER B 86 1.12 15.54 -34.21
N SER B 87 1.80 14.56 -33.62
CA SER B 87 1.91 13.23 -34.20
C SER B 87 0.88 12.26 -33.65
N GLY B 88 0.22 12.59 -32.54
CA GLY B 88 -0.74 11.70 -31.92
C GLY B 88 -0.15 10.67 -31.00
N CYS B 89 1.18 10.55 -30.92
CA CYS B 89 1.81 9.60 -30.04
C CYS B 89 1.56 9.97 -28.58
N TYR B 90 1.46 8.95 -27.72
CA TYR B 90 1.31 9.18 -26.30
C TYR B 90 2.00 8.07 -25.53
N ILE B 91 2.58 8.44 -24.40
CA ILE B 91 3.19 7.50 -23.45
C ILE B 91 2.28 7.42 -22.24
N HIS B 92 1.99 6.20 -21.78
CA HIS B 92 1.03 6.00 -20.70
C HIS B 92 1.35 4.70 -19.98
N PHE B 93 1.62 4.80 -18.68
CA PHE B 93 1.94 3.63 -17.88
C PHE B 93 1.57 3.90 -16.43
N PHE B 94 1.73 2.89 -15.58
CA PHE B 94 1.30 2.94 -14.20
C PHE B 94 2.39 2.42 -13.28
N ARG B 95 2.24 2.74 -11.99
CA ARG B 95 3.23 2.36 -10.99
C ARG B 95 2.53 2.08 -9.67
N GLU B 96 3.00 1.05 -8.98
CA GLU B 96 2.47 0.70 -7.66
C GLU B 96 2.96 1.71 -6.63
N PRO B 97 2.08 2.24 -5.78
CA PRO B 97 2.48 3.29 -4.85
C PRO B 97 3.26 2.77 -3.66
N THR B 98 4.00 3.68 -3.04
CA THR B 98 4.74 3.39 -1.81
C THR B 98 3.91 3.70 -0.57
N ASP B 99 3.40 4.93 -0.47
CA ASP B 99 2.56 5.35 0.65
C ASP B 99 1.12 4.96 0.31
N LEU B 100 0.68 3.83 0.86
CA LEU B 100 -0.69 3.38 0.61
C LEU B 100 -1.70 4.30 1.28
N LYS B 101 -1.32 4.98 2.36
CA LYS B 101 -2.25 5.87 3.05
C LYS B 101 -2.53 7.11 2.22
N GLN B 102 -1.48 7.77 1.71
CA GLN B 102 -1.68 8.91 0.83
C GLN B 102 -2.36 8.51 -0.48
N PHE B 103 -2.08 7.29 -0.95
CA PHE B 103 -2.73 6.81 -2.18
C PHE B 103 -4.23 6.70 -2.00
N LYS B 104 -4.68 6.15 -0.86
CA LYS B 104 -6.11 6.01 -0.61
C LYS B 104 -6.78 7.38 -0.61
N GLN B 105 -6.10 8.40 -0.11
CA GLN B 105 -6.64 9.76 -0.15
C GLN B 105 -6.68 10.29 -1.57
N ASP B 106 -5.61 10.08 -2.33
CA ASP B 106 -5.60 10.52 -3.73
C ASP B 106 -6.66 9.80 -4.54
N ALA B 107 -6.90 8.51 -4.26
CA ALA B 107 -7.91 7.77 -5.00
C ALA B 107 -9.31 8.31 -4.71
N LYS B 108 -9.56 8.74 -3.48
CA LYS B 108 -10.90 9.22 -3.12
C LYS B 108 -11.16 10.59 -3.73
N TYR B 109 -10.14 11.45 -3.80
CA TYR B 109 -10.34 12.83 -4.22
C TYR B 109 -9.70 13.16 -5.56
N SER B 110 -9.21 12.16 -6.31
CA SER B 110 -8.59 12.47 -7.59
C SER B 110 -8.78 11.37 -8.64
N HIS B 111 -7.96 10.31 -8.58
CA HIS B 111 -7.86 9.38 -9.70
C HIS B 111 -8.72 8.12 -9.54
N GLY B 112 -9.16 7.79 -8.34
CA GLY B 112 -10.06 6.66 -8.16
C GLY B 112 -9.51 5.33 -8.63
N ILE B 113 -8.22 5.11 -8.46
CA ILE B 113 -7.57 3.89 -8.93
C ILE B 113 -7.58 2.86 -7.81
N ASP B 114 -8.00 1.64 -8.13
CA ASP B 114 -7.90 0.52 -7.21
C ASP B 114 -6.46 0.05 -7.16
N VAL B 115 -5.87 0.01 -5.96
CA VAL B 115 -4.46 -0.32 -5.83
C VAL B 115 -4.17 -1.75 -6.27
N THR B 116 -5.18 -2.63 -6.20
CA THR B 116 -4.99 -4.00 -6.65
C THR B 116 -4.73 -4.08 -8.15
N ASP B 117 -5.19 -3.08 -8.92
CA ASP B 117 -4.90 -3.02 -10.34
C ASP B 117 -3.48 -2.56 -10.64
N LEU B 118 -2.76 -2.06 -9.64
CA LEU B 118 -1.39 -1.61 -9.83
C LEU B 118 -0.35 -2.66 -9.45
N PHE B 119 -0.76 -3.79 -8.89
CA PHE B 119 0.20 -4.80 -8.44
C PHE B 119 0.92 -5.44 -9.62
N ALA B 120 0.31 -5.44 -10.81
CA ALA B 120 0.88 -6.11 -11.97
C ALA B 120 1.68 -5.17 -12.86
N THR B 121 1.97 -3.95 -12.41
CA THR B 121 2.73 -3.02 -13.22
C THR B 121 4.22 -3.39 -13.21
N GLN B 122 4.89 -3.05 -14.29
CA GLN B 122 6.31 -3.34 -14.42
C GLN B 122 7.11 -2.43 -13.49
N PRO B 123 7.84 -2.97 -12.52
CA PRO B 123 8.58 -2.11 -11.59
C PRO B 123 9.74 -1.41 -12.27
N GLY B 124 10.02 -0.19 -11.81
CA GLY B 124 11.09 0.61 -12.37
C GLY B 124 10.81 1.16 -13.75
N LEU B 125 9.57 1.06 -14.23
CA LEU B 125 9.24 1.59 -15.55
C LEU B 125 9.32 3.11 -15.59
N THR B 126 9.00 3.77 -14.48
CA THR B 126 9.04 5.23 -14.45
C THR B 126 10.45 5.75 -14.72
N SER B 127 11.44 5.22 -14.00
CA SER B 127 12.83 5.64 -14.20
C SER B 127 13.34 5.27 -15.59
N ALA B 128 12.84 4.17 -16.16
CA ALA B 128 13.31 3.75 -17.47
C ALA B 128 12.77 4.66 -18.57
N VAL B 129 11.48 5.02 -18.49
CA VAL B 129 10.90 5.86 -19.53
C VAL B 129 11.46 7.27 -19.45
N ILE B 130 11.59 7.82 -18.23
CA ILE B 130 12.05 9.19 -18.07
C ILE B 130 13.50 9.34 -18.55
N ASP B 131 14.34 8.36 -18.24
CA ASP B 131 15.72 8.40 -18.71
C ASP B 131 15.81 8.17 -20.23
N ALA B 132 14.79 7.56 -20.82
CA ALA B 132 14.77 7.36 -22.27
C ALA B 132 14.17 8.53 -23.03
N LEU B 133 13.67 9.55 -22.33
CA LEU B 133 13.09 10.69 -23.00
C LEU B 133 14.15 11.39 -23.85
N PRO B 134 13.78 11.92 -25.02
CA PRO B 134 14.76 12.62 -25.85
C PRO B 134 15.38 13.79 -25.12
N ARG B 135 16.64 14.08 -25.44
CA ARG B 135 17.38 15.10 -24.74
C ARG B 135 16.87 16.49 -25.10
N ASN B 136 16.88 17.40 -24.11
CA ASN B 136 16.56 18.81 -24.30
C ASN B 136 15.16 19.02 -24.87
N MET B 137 14.24 18.10 -24.59
CA MET B 137 12.88 18.29 -25.08
C MET B 137 12.11 19.21 -24.13
N VAL B 138 11.10 19.87 -24.68
CA VAL B 138 10.30 20.84 -23.95
C VAL B 138 8.95 20.22 -23.63
N ILE B 139 8.57 20.22 -22.35
CA ILE B 139 7.35 19.60 -21.87
C ILE B 139 6.40 20.68 -21.36
N THR B 140 5.17 20.68 -21.87
CA THR B 140 4.13 21.57 -21.40
C THR B 140 3.27 20.82 -20.38
N CYS B 141 2.88 21.51 -19.31
CA CYS B 141 2.16 20.82 -18.24
C CYS B 141 1.39 21.82 -17.41
N GLN B 142 0.41 21.30 -16.67
CA GLN B 142 -0.30 22.03 -15.63
C GLN B 142 0.36 21.72 -14.29
N GLY B 143 0.74 22.77 -13.57
CA GLY B 143 1.47 22.59 -12.32
C GLY B 143 2.85 22.03 -12.56
N SER B 144 3.79 22.91 -12.95
CA SER B 144 5.11 22.45 -13.36
C SER B 144 6.00 22.05 -12.19
N ASP B 145 5.67 22.48 -10.96
CA ASP B 145 6.55 22.20 -9.83
C ASP B 145 6.58 20.71 -9.52
N ASP B 146 5.43 20.03 -9.60
CA ASP B 146 5.41 18.59 -9.39
C ASP B 146 6.17 17.85 -10.49
N ILE B 147 5.97 18.26 -11.75
CA ILE B 147 6.67 17.64 -12.86
C ILE B 147 8.17 17.84 -12.73
N ARG B 148 8.58 19.01 -12.23
CA ARG B 148 10.01 19.29 -12.08
C ARG B 148 10.65 18.39 -11.03
N LYS B 149 9.94 18.16 -9.92
CA LYS B 149 10.48 17.27 -8.88
C LYS B 149 10.65 15.85 -9.40
N LEU B 150 9.68 15.37 -10.17
CA LEU B 150 9.77 14.02 -10.74
C LEU B 150 10.92 13.93 -11.73
N LEU B 151 11.05 14.93 -12.60
CA LEU B 151 12.10 14.90 -13.62
C LEU B 151 13.48 15.04 -12.98
N GLU B 152 13.61 15.90 -11.96
CA GLU B 152 14.91 16.08 -11.31
C GLU B 152 15.32 14.86 -10.51
N SER B 153 14.37 14.16 -9.92
CA SER B 153 14.68 12.92 -9.20
C SER B 153 15.19 11.82 -10.12
N GLN B 154 15.13 12.01 -11.43
CA GLN B 154 15.67 11.06 -12.40
C GLN B 154 16.90 11.60 -13.12
N GLY B 155 17.39 12.78 -12.74
CA GLY B 155 18.54 13.35 -13.39
C GLY B 155 18.27 13.95 -14.76
N ARG B 156 17.06 14.44 -15.00
CA ARG B 156 16.73 15.05 -16.28
C ARG B 156 16.59 16.56 -16.16
N LYS B 157 17.69 17.24 -15.83
CA LYS B 157 17.67 18.70 -15.77
C LYS B 157 17.61 19.33 -17.15
N ASP B 158 17.91 18.56 -18.20
CA ASP B 158 17.92 19.09 -19.55
C ASP B 158 16.52 19.37 -20.09
N ILE B 159 15.48 18.83 -19.45
CA ILE B 159 14.12 18.99 -19.94
C ILE B 159 13.57 20.34 -19.48
N LYS B 160 13.21 21.18 -20.44
CA LYS B 160 12.59 22.46 -20.13
C LYS B 160 11.10 22.27 -19.92
N LEU B 161 10.54 23.05 -18.98
CA LEU B 161 9.13 22.94 -18.62
C LEU B 161 8.41 24.24 -18.93
N ILE B 162 7.17 24.12 -19.39
CA ILE B 162 6.29 25.25 -19.65
C ILE B 162 5.01 25.03 -18.87
N ASP B 163 4.70 25.94 -17.96
CA ASP B 163 3.48 25.88 -17.18
C ASP B 163 2.37 26.61 -17.93
N ILE B 164 1.28 25.90 -18.22
CA ILE B 164 0.20 26.51 -18.99
C ILE B 164 -0.64 27.43 -18.13
N ALA B 165 -0.67 27.20 -16.81
CA ALA B 165 -1.29 28.11 -15.84
C ALA B 165 -2.76 28.38 -16.17
N LEU B 166 -3.52 27.32 -16.42
CA LEU B 166 -4.94 27.44 -16.66
C LEU B 166 -5.72 27.35 -15.35
N SER B 167 -6.92 27.90 -15.37
CA SER B 167 -7.81 27.77 -14.23
C SER B 167 -8.57 26.44 -14.30
N LYS B 168 -9.08 26.03 -13.13
CA LYS B 168 -9.93 24.85 -12.99
C LYS B 168 -11.05 24.81 -14.03
N THR B 169 -11.58 25.98 -14.38
CA THR B 169 -12.70 26.05 -15.31
C THR B 169 -12.23 25.85 -16.75
N ASP B 170 -11.18 26.57 -17.15
CA ASP B 170 -10.68 26.44 -18.52
C ASP B 170 -10.02 25.08 -18.74
N SER B 171 -9.33 24.55 -17.72
CA SER B 171 -8.55 23.34 -17.91
C SER B 171 -9.42 22.12 -18.19
N ARG B 172 -10.67 22.12 -17.73
CA ARG B 172 -11.54 20.96 -17.87
C ARG B 172 -12.83 21.28 -18.62
N LYS B 173 -12.83 22.32 -19.46
CA LYS B 173 -14.03 22.64 -20.23
C LYS B 173 -14.26 21.68 -21.39
N TYR B 174 -13.26 20.87 -21.75
CA TYR B 174 -13.41 19.82 -22.75
C TYR B 174 -13.39 18.43 -22.11
N GLU B 175 -13.67 18.35 -20.80
CA GLU B 175 -13.55 17.08 -20.08
C GLU B 175 -14.52 16.04 -20.62
N ASN B 176 -15.79 16.42 -20.80
CA ASN B 176 -16.78 15.46 -21.25
C ASN B 176 -16.50 15.01 -22.68
N ALA B 177 -16.08 15.92 -23.55
CA ALA B 177 -15.78 15.55 -24.93
C ALA B 177 -14.57 14.64 -25.02
N VAL B 178 -13.54 14.90 -24.21
CA VAL B 178 -12.34 14.08 -24.24
C VAL B 178 -12.63 12.68 -23.72
N TRP B 179 -13.28 12.60 -22.56
CA TRP B 179 -13.63 11.30 -22.00
C TRP B 179 -14.50 10.50 -22.96
N ASP B 180 -15.53 11.13 -23.52
CA ASP B 180 -16.40 10.43 -24.46
C ASP B 180 -15.62 9.91 -25.67
N GLN B 181 -14.59 10.63 -26.09
CA GLN B 181 -13.82 10.23 -27.26
C GLN B 181 -12.74 9.21 -26.94
N TYR B 182 -12.14 9.28 -25.76
CA TYR B 182 -10.93 8.52 -25.47
C TYR B 182 -11.02 7.63 -24.23
N LYS B 183 -12.21 7.43 -23.67
CA LYS B 183 -12.31 6.63 -22.44
C LYS B 183 -11.84 5.20 -22.62
N ASP B 184 -11.81 4.69 -23.86
CA ASP B 184 -11.31 3.35 -24.11
C ASP B 184 -9.81 3.23 -23.91
N LEU B 185 -9.09 4.34 -23.75
CA LEU B 185 -7.65 4.29 -23.60
C LEU B 185 -7.22 3.98 -22.17
N CYS B 186 -8.06 4.29 -21.18
CA CYS B 186 -7.73 4.02 -19.78
C CYS B 186 -8.97 3.52 -19.06
N HIS B 187 -8.89 2.32 -18.50
CA HIS B 187 -9.96 1.73 -17.71
C HIS B 187 -9.59 1.57 -16.25
N MET B 188 -8.64 2.37 -15.76
CA MET B 188 -8.08 2.17 -14.43
C MET B 188 -8.77 3.00 -13.35
N HIS B 189 -9.67 3.91 -13.72
CA HIS B 189 -10.32 4.79 -12.76
C HIS B 189 -11.70 4.22 -12.45
N THR B 190 -11.71 3.26 -11.52
CA THR B 190 -12.90 2.50 -11.19
C THR B 190 -13.61 2.96 -9.93
N GLY B 191 -12.95 3.78 -9.11
CA GLY B 191 -13.54 4.22 -7.86
C GLY B 191 -14.28 5.54 -7.99
N VAL B 192 -15.16 5.79 -7.02
CA VAL B 192 -15.92 7.03 -6.97
C VAL B 192 -15.02 8.14 -6.44
N VAL B 193 -15.03 9.28 -7.13
CA VAL B 193 -14.21 10.44 -6.75
C VAL B 193 -15.14 11.59 -6.42
N VAL B 194 -14.87 12.26 -5.29
CA VAL B 194 -15.71 13.35 -4.81
C VAL B 194 -14.80 14.52 -4.42
N GLU B 195 -15.45 15.63 -4.07
CA GLU B 195 -14.75 16.82 -3.59
C GLU B 195 -15.07 17.08 -2.12
N GLY B 201 -18.67 21.41 -0.23
CA GLY B 201 -19.27 20.18 0.28
C GLY B 201 -18.57 18.93 -0.22
N LYS B 202 -19.34 17.87 -0.45
CA LYS B 202 -18.82 16.59 -0.93
C LYS B 202 -19.80 16.04 -1.96
N GLU B 203 -19.44 16.18 -3.24
CA GLU B 203 -20.24 15.66 -4.34
C GLU B 203 -19.35 14.96 -5.34
N GLU B 204 -19.94 14.04 -6.09
CA GLU B 204 -19.19 13.18 -7.00
C GLU B 204 -18.73 13.96 -8.23
N ILE B 205 -17.50 13.68 -8.67
CA ILE B 205 -16.91 14.30 -9.84
C ILE B 205 -16.36 13.21 -10.75
N THR B 206 -15.97 13.60 -11.95
CA THR B 206 -15.32 12.68 -12.88
C THR B 206 -13.89 12.41 -12.40
N PRO B 207 -13.44 11.15 -12.38
CA PRO B 207 -12.07 10.88 -11.92
C PRO B 207 -11.04 11.53 -12.81
N HIS B 208 -9.88 11.84 -12.22
CA HIS B 208 -8.79 12.51 -12.93
C HIS B 208 -7.86 11.47 -13.52
N CYS B 209 -7.68 11.51 -14.84
CA CYS B 209 -6.78 10.62 -15.55
C CYS B 209 -5.66 11.45 -16.16
N ALA B 210 -4.42 11.00 -15.95
CA ALA B 210 -3.27 11.75 -16.45
C ALA B 210 -3.26 11.83 -17.97
N LEU B 211 -3.74 10.77 -18.64
CA LEU B 211 -3.80 10.80 -20.10
C LEU B 211 -4.94 11.70 -20.58
N MET B 212 -6.12 11.58 -19.97
CA MET B 212 -7.23 12.45 -20.34
C MET B 212 -6.92 13.90 -20.02
N ASP B 213 -6.21 14.15 -18.92
CA ASP B 213 -5.83 15.51 -18.56
C ASP B 213 -4.96 16.14 -19.64
N CYS B 214 -3.94 15.41 -20.10
CA CYS B 214 -3.08 15.92 -21.16
C CYS B 214 -3.88 16.32 -22.39
N ILE B 215 -4.89 15.51 -22.75
CA ILE B 215 -5.66 15.77 -23.95
C ILE B 215 -6.60 16.94 -23.76
N MET B 216 -7.32 16.99 -22.63
CA MET B 216 -8.27 18.07 -22.42
C MET B 216 -7.56 19.39 -22.12
N PHE B 217 -6.35 19.34 -21.56
CA PHE B 217 -5.59 20.58 -21.38
C PHE B 217 -5.13 21.12 -22.73
N ASP B 218 -4.69 20.23 -23.63
CA ASP B 218 -4.32 20.66 -24.97
C ASP B 218 -5.53 21.14 -25.75
N ALA B 219 -6.69 20.53 -25.52
CA ALA B 219 -7.91 20.97 -26.19
C ALA B 219 -8.30 22.37 -25.74
N ALA B 220 -8.13 22.67 -24.44
CA ALA B 220 -8.47 24.01 -23.95
C ALA B 220 -7.56 25.06 -24.57
N VAL B 221 -6.28 24.74 -24.74
CA VAL B 221 -5.33 25.71 -25.27
C VAL B 221 -5.52 25.89 -26.77
N SER B 222 -5.51 24.79 -27.52
CA SER B 222 -5.66 24.86 -28.98
C SER B 222 -7.12 25.03 -29.41
N GLY B 223 -8.06 25.06 -28.48
CA GLY B 223 -9.44 25.36 -28.81
C GLY B 223 -10.22 24.21 -29.41
N GLY B 224 -9.98 22.99 -28.96
CA GLY B 224 -10.75 21.86 -29.43
C GLY B 224 -9.90 20.60 -29.47
N LEU B 225 -10.60 19.48 -29.67
CA LEU B 225 -9.93 18.19 -29.75
C LEU B 225 -9.12 18.09 -31.02
N ASN B 226 -7.96 17.44 -30.93
CA ASN B 226 -7.09 17.29 -32.09
C ASN B 226 -7.65 16.22 -33.02
N THR B 227 -7.38 16.39 -34.31
CA THR B 227 -7.89 15.52 -35.35
C THR B 227 -6.99 14.31 -35.61
N SER B 228 -5.78 14.29 -35.06
CA SER B 228 -4.88 13.17 -35.27
C SER B 228 -5.31 11.96 -34.44
N VAL B 229 -4.92 10.78 -34.91
CA VAL B 229 -5.23 9.53 -34.22
C VAL B 229 -4.18 9.27 -33.15
N LEU B 230 -4.63 8.79 -32.00
CA LEU B 230 -3.73 8.56 -30.87
C LEU B 230 -3.12 7.17 -30.95
N ARG B 231 -1.82 7.09 -30.67
CA ARG B 231 -1.08 5.83 -30.77
C ARG B 231 -0.22 5.68 -29.53
N ALA B 232 -0.37 4.54 -28.85
CA ALA B 232 0.45 4.26 -27.67
C ALA B 232 1.88 3.95 -28.09
N VAL B 233 2.84 4.59 -27.42
CA VAL B 233 4.25 4.35 -27.71
C VAL B 233 4.72 3.07 -27.02
N LEU B 234 4.24 2.80 -25.82
CA LEU B 234 4.64 1.63 -25.05
C LEU B 234 3.76 0.45 -25.38
N PRO B 235 4.34 -0.74 -25.62
CA PRO B 235 3.51 -1.94 -25.78
C PRO B 235 2.92 -2.36 -24.45
N ARG B 236 1.81 -3.07 -24.52
CA ARG B 236 1.12 -3.50 -23.30
C ARG B 236 1.97 -4.45 -22.48
N ASP B 237 2.72 -5.34 -23.14
CA ASP B 237 3.55 -6.31 -22.42
C ASP B 237 4.62 -5.63 -21.57
N MET B 238 4.91 -4.36 -21.82
CA MET B 238 5.87 -3.61 -21.01
C MET B 238 5.22 -2.81 -19.90
N VAL B 239 3.98 -2.37 -20.07
CA VAL B 239 3.30 -1.64 -19.02
C VAL B 239 2.92 -2.57 -17.87
N PHE B 240 2.42 -3.76 -18.20
CA PHE B 240 2.01 -4.74 -17.21
C PHE B 240 2.76 -6.04 -17.45
N ARG B 241 3.28 -6.63 -16.37
CA ARG B 241 3.99 -7.89 -16.50
C ARG B 241 3.05 -9.05 -16.76
N THR B 242 1.78 -8.94 -16.31
CA THR B 242 0.75 -9.90 -16.64
C THR B 242 -0.52 -9.14 -16.97
N SER B 243 -1.17 -9.52 -18.07
CA SER B 243 -2.36 -8.83 -18.56
C SER B 243 -3.55 -9.79 -18.52
N THR B 244 -4.70 -9.26 -18.11
CA THR B 244 -5.91 -10.07 -18.07
C THR B 244 -6.38 -10.35 -19.49
N PRO B 245 -6.61 -11.61 -19.85
CA PRO B 245 -7.01 -11.93 -21.22
C PRO B 245 -8.44 -11.49 -21.50
N ARG B 246 -8.81 -11.58 -22.78
CA ARG B 246 -10.17 -11.30 -23.19
C ARG B 246 -11.14 -12.27 -22.49
N VAL B 247 -12.40 -11.83 -22.37
CA VAL B 247 -13.46 -12.67 -21.86
C VAL B 247 -14.18 -13.26 -23.07
N VAL B 248 -14.02 -14.57 -23.27
CA VAL B 248 -14.67 -15.24 -24.40
C VAL B 248 -16.17 -15.29 -24.14
N LEU B 249 -16.94 -14.74 -25.08
CA LEU B 249 -18.39 -14.71 -24.95
C LEU B 249 -19.05 -15.68 -25.93
ZN ZN C . -0.38 -14.52 12.68
ZN ZN D . -6.02 7.00 -16.62
#